data_6ITL
#
_entry.id   6ITL
#
_cell.length_a   80.089
_cell.length_b   80.089
_cell.length_c   193.150
_cell.angle_alpha   90.000
_cell.angle_beta   90.000
_cell.angle_gamma   120.000
#
_symmetry.space_group_name_H-M   'P 64 2 2'
#
loop_
_entity.id
_entity.type
_entity.pdbx_description
1 polymer 'Malate dehydrogenase'
2 non-polymer NICOTINAMIDE-ADENINE-DINUCLEOTIDE
3 non-polymer GLYCEROL
4 water water
#
_entity_poly.entity_id   1
_entity_poly.type   'polypeptide(L)'
_entity_poly.pdbx_seq_one_letter_code
;MKVAVLGAAGGIGQALALLLKLQLPAGSSLSLYDVAPVTPGVAKDLSHIPTDVVVEGFAGTDPSEALKGADIVLISAGVA
RKPGMTRADLFGVNAGIIRSLTEKVAEQCPKACVGIITNPVNAMVAIAAEVLKKAGVYDKRKLFGITTLDILRAETFIAE
LKGLDPTRVTIPVIGGHSGVTILPLLSQVQNVEWSSEEEIIALTHRIQNAGTEVVEAKAGGGSATLSMAQAAARFALALV
KASQGAKVVECAYVEGDGKYARFFAQPVRLGTEGVEEYLTLGKLSAFEEKALNAMLETLQGDIKSGEDFINGLEHHHHHH
;
_entity_poly.pdbx_strand_id   A
#
# COMPACT_ATOMS: atom_id res chain seq x y z
N MET A 1 8.99 -10.85 -15.45
CA MET A 1 8.47 -10.14 -14.29
C MET A 1 9.05 -10.81 -13.06
N LYS A 2 9.79 -10.04 -12.25
CA LYS A 2 10.24 -10.53 -10.93
C LYS A 2 9.71 -9.61 -9.85
N VAL A 3 9.05 -10.19 -8.83
CA VAL A 3 8.50 -9.45 -7.68
C VAL A 3 9.32 -9.82 -6.44
N ALA A 4 9.83 -8.84 -5.72
CA ALA A 4 10.50 -9.07 -4.41
C ALA A 4 9.57 -8.60 -3.30
N VAL A 5 9.39 -9.44 -2.26
CA VAL A 5 8.63 -9.08 -1.04
C VAL A 5 9.63 -8.98 0.14
N LEU A 6 9.81 -7.78 0.66
CA LEU A 6 10.66 -7.49 1.85
C LEU A 6 9.74 -7.42 3.08
N GLY A 7 10.00 -8.33 4.04
CA GLY A 7 9.13 -8.59 5.21
C GLY A 7 8.27 -9.82 4.99
N ALA A 8 8.72 -10.75 4.15
CA ALA A 8 7.91 -11.89 3.63
C ALA A 8 7.60 -12.96 4.68
N ALA A 9 8.23 -12.94 5.85
CA ALA A 9 8.02 -13.95 6.89
C ALA A 9 6.89 -13.52 7.83
N GLY A 10 6.41 -12.29 7.76
CA GLY A 10 5.37 -11.81 8.70
C GLY A 10 3.93 -12.23 8.35
N GLY A 11 2.94 -11.75 9.12
CA GLY A 11 1.51 -12.06 8.94
C GLY A 11 1.10 -11.69 7.51
N ILE A 12 1.38 -10.47 7.11
CA ILE A 12 1.02 -9.93 5.77
C ILE A 12 1.93 -10.64 4.77
N GLY A 13 3.26 -10.62 5.04
CA GLY A 13 4.30 -11.17 4.15
C GLY A 13 3.95 -12.55 3.62
N GLN A 14 3.55 -13.45 4.51
CA GLN A 14 3.38 -14.88 4.14
C GLN A 14 2.12 -15.04 3.27
N ALA A 15 1.04 -14.40 3.67
CA ALA A 15 -0.25 -14.49 2.94
C ALA A 15 -0.06 -13.80 1.57
N LEU A 16 0.65 -12.67 1.51
CA LEU A 16 0.93 -11.94 0.24
C LEU A 16 1.74 -12.84 -0.70
N ALA A 17 2.76 -13.50 -0.17
CA ALA A 17 3.65 -14.42 -0.91
C ALA A 17 2.81 -15.56 -1.49
N LEU A 18 1.89 -16.10 -0.69
CA LEU A 18 0.97 -17.18 -1.15
C LEU A 18 0.10 -16.67 -2.32
N LEU A 19 -0.50 -15.50 -2.18
CA LEU A 19 -1.41 -15.00 -3.25
C LEU A 19 -0.58 -14.71 -4.51
N LEU A 20 0.65 -14.23 -4.38
CA LEU A 20 1.49 -13.94 -5.57
C LEU A 20 1.98 -15.26 -6.20
N LYS A 21 2.35 -16.24 -5.39
CA LYS A 21 2.73 -17.58 -5.91
C LYS A 21 1.55 -18.17 -6.70
N LEU A 22 0.33 -17.97 -6.23
CA LEU A 22 -0.88 -18.49 -6.93
C LEU A 22 -1.22 -17.66 -8.18
N GLN A 23 -0.97 -16.37 -8.19
CA GLN A 23 -1.63 -15.49 -9.18
C GLN A 23 -0.64 -14.80 -10.11
N LEU A 24 0.65 -14.79 -9.83
CA LEU A 24 1.54 -14.05 -10.77
C LEU A 24 1.51 -14.81 -12.09
N PRO A 25 1.73 -14.14 -13.24
CA PRO A 25 1.76 -14.82 -14.53
C PRO A 25 2.78 -15.96 -14.59
N ALA A 26 2.39 -17.06 -15.22
CA ALA A 26 3.31 -18.15 -15.54
C ALA A 26 4.55 -17.54 -16.22
N GLY A 27 5.73 -17.91 -15.76
CA GLY A 27 7.00 -17.38 -16.28
C GLY A 27 7.61 -16.33 -15.34
N SER A 28 6.87 -15.92 -14.32
CA SER A 28 7.28 -14.92 -13.29
C SER A 28 8.26 -15.54 -12.31
N SER A 29 8.94 -14.71 -11.55
CA SER A 29 9.67 -15.16 -10.34
C SER A 29 9.25 -14.28 -9.14
N LEU A 30 9.48 -14.84 -7.96
CA LEU A 30 9.04 -14.25 -6.69
C LEU A 30 10.20 -14.48 -5.73
N SER A 31 10.76 -13.41 -5.18
CA SER A 31 11.85 -13.58 -4.20
C SER A 31 11.42 -12.98 -2.87
N LEU A 32 11.64 -13.73 -1.81
CA LEU A 32 11.15 -13.34 -0.47
C LEU A 32 12.39 -13.05 0.37
N TYR A 33 12.31 -11.98 1.13
CA TYR A 33 13.41 -11.58 2.04
C TYR A 33 12.81 -11.12 3.34
N ASP A 34 13.41 -11.60 4.41
CA ASP A 34 13.04 -11.17 5.75
C ASP A 34 14.24 -11.45 6.66
N VAL A 35 14.36 -10.67 7.71
CA VAL A 35 15.42 -10.85 8.74
C VAL A 35 15.13 -12.14 9.52
N ALA A 36 13.87 -12.63 9.55
CA ALA A 36 13.48 -13.87 10.27
C ALA A 36 14.14 -15.10 9.65
N PRO A 37 14.81 -15.96 10.45
CA PRO A 37 15.53 -17.10 9.90
C PRO A 37 14.64 -18.11 9.16
N VAL A 38 13.35 -18.09 9.40
CA VAL A 38 12.39 -19.05 8.79
C VAL A 38 12.24 -18.79 7.27
N THR A 39 12.66 -17.65 6.75
CA THR A 39 12.25 -17.14 5.40
C THR A 39 12.52 -18.14 4.27
N PRO A 40 13.74 -18.74 4.15
CA PRO A 40 13.98 -19.76 3.12
C PRO A 40 12.97 -20.91 3.19
N GLY A 41 12.49 -21.25 4.37
CA GLY A 41 11.46 -22.29 4.57
C GLY A 41 10.09 -21.84 4.10
N VAL A 42 9.75 -20.56 4.27
CA VAL A 42 8.47 -20.00 3.73
C VAL A 42 8.51 -20.19 2.20
N ALA A 43 9.61 -19.80 1.57
CA ALA A 43 9.80 -19.98 0.13
C ALA A 43 9.73 -21.47 -0.21
N LYS A 44 10.33 -22.34 0.58
CA LYS A 44 10.29 -23.80 0.31
C LYS A 44 8.85 -24.31 0.37
N ASP A 45 8.09 -23.84 1.36
CA ASP A 45 6.65 -24.19 1.50
C ASP A 45 5.95 -23.83 0.19
N LEU A 46 6.06 -22.58 -0.24
CA LEU A 46 5.39 -22.05 -1.46
C LEU A 46 5.86 -22.78 -2.74
N SER A 47 7.13 -23.22 -2.80
CA SER A 47 7.77 -23.86 -3.99
C SER A 47 7.06 -25.17 -4.31
N HIS A 48 6.32 -25.75 -3.36
CA HIS A 48 5.52 -26.98 -3.53
C HIS A 48 4.15 -26.71 -4.20
N ILE A 49 3.84 -25.46 -4.53
CA ILE A 49 2.58 -25.16 -5.23
C ILE A 49 2.81 -25.20 -6.75
N PRO A 50 1.94 -25.93 -7.50
CA PRO A 50 2.18 -26.14 -8.94
C PRO A 50 1.79 -24.97 -9.84
N THR A 51 2.51 -23.86 -9.68
CA THR A 51 2.46 -22.71 -10.62
C THR A 51 3.85 -22.49 -11.17
N ASP A 52 3.92 -21.94 -12.36
CA ASP A 52 5.18 -21.66 -13.09
C ASP A 52 5.67 -20.30 -12.60
N VAL A 53 5.98 -20.21 -11.31
CA VAL A 53 6.50 -18.99 -10.63
C VAL A 53 7.65 -19.47 -9.74
N VAL A 54 8.87 -19.19 -10.14
CA VAL A 54 10.10 -19.52 -9.38
C VAL A 54 10.08 -18.71 -8.08
N VAL A 55 10.08 -19.42 -6.95
CA VAL A 55 10.05 -18.73 -5.62
C VAL A 55 11.35 -19.02 -4.88
N GLU A 56 12.06 -17.98 -4.46
CA GLU A 56 13.30 -18.12 -3.64
C GLU A 56 13.13 -17.29 -2.38
N GLY A 57 13.81 -17.70 -1.32
CA GLY A 57 13.68 -17.08 0.01
C GLY A 57 15.06 -16.83 0.61
N PHE A 58 15.24 -15.69 1.26
CA PHE A 58 16.54 -15.20 1.79
C PHE A 58 16.30 -14.65 3.18
N ALA A 59 17.14 -15.02 4.14
CA ALA A 59 17.19 -14.30 5.42
C ALA A 59 18.56 -13.61 5.45
N GLY A 60 19.06 -13.24 6.63
CA GLY A 60 20.36 -12.55 6.68
C GLY A 60 20.17 -11.07 6.51
N THR A 61 21.29 -10.36 6.45
CA THR A 61 21.34 -8.89 6.66
C THR A 61 21.24 -8.16 5.34
N ASP A 62 21.24 -8.89 4.23
CA ASP A 62 21.44 -8.31 2.88
C ASP A 62 20.40 -8.82 1.89
N PRO A 63 19.42 -7.96 1.55
CA PRO A 63 18.38 -8.30 0.55
C PRO A 63 18.79 -8.21 -0.94
N SER A 64 20.09 -7.99 -1.22
CA SER A 64 20.65 -7.69 -2.56
C SER A 64 20.33 -8.85 -3.51
N GLU A 65 20.44 -10.06 -3.02
CA GLU A 65 20.17 -11.28 -3.81
C GLU A 65 18.68 -11.35 -4.15
N ALA A 66 17.77 -11.05 -3.22
CA ALA A 66 16.32 -11.06 -3.48
C ALA A 66 15.98 -9.96 -4.48
N LEU A 67 16.69 -8.84 -4.45
CA LEU A 67 16.37 -7.61 -5.21
C LEU A 67 16.97 -7.59 -6.61
N LYS A 68 18.00 -8.39 -6.85
CA LYS A 68 18.69 -8.39 -8.17
C LYS A 68 17.64 -8.69 -9.27
N GLY A 69 17.48 -7.79 -10.24
CA GLY A 69 16.57 -7.99 -11.39
C GLY A 69 15.11 -7.77 -11.04
N ALA A 70 14.78 -7.31 -9.83
CA ALA A 70 13.37 -7.15 -9.44
C ALA A 70 12.74 -6.06 -10.30
N ASP A 71 11.49 -6.28 -10.75
CA ASP A 71 10.66 -5.26 -11.45
C ASP A 71 9.77 -4.51 -10.46
N ILE A 72 9.31 -5.23 -9.44
CA ILE A 72 8.36 -4.70 -8.43
C ILE A 72 8.92 -5.13 -7.06
N VAL A 73 8.97 -4.18 -6.15
CA VAL A 73 9.40 -4.44 -4.73
C VAL A 73 8.24 -4.06 -3.80
N LEU A 74 7.76 -5.02 -3.03
CA LEU A 74 6.68 -4.79 -2.07
C LEU A 74 7.30 -4.84 -0.66
N ILE A 75 7.04 -3.81 0.17
CA ILE A 75 7.67 -3.74 1.53
C ILE A 75 6.58 -3.79 2.58
N SER A 76 6.45 -4.94 3.24
CA SER A 76 5.60 -5.17 4.44
C SER A 76 6.46 -5.37 5.69
N ALA A 77 7.71 -4.92 5.68
CA ALA A 77 8.63 -5.11 6.82
C ALA A 77 8.28 -4.09 7.90
N GLY A 78 8.45 -4.45 9.17
CA GLY A 78 8.23 -3.56 10.33
C GLY A 78 7.14 -4.09 11.23
N VAL A 79 6.90 -3.41 12.34
CA VAL A 79 5.94 -3.82 13.38
C VAL A 79 4.56 -3.25 13.05
N ALA A 80 3.57 -4.03 13.44
CA ALA A 80 2.15 -3.67 13.34
C ALA A 80 1.70 -3.11 14.70
N ARG A 81 0.69 -2.27 14.65
CA ARG A 81 0.05 -1.69 15.87
C ARG A 81 -0.57 -2.82 16.68
N LYS A 82 -0.13 -2.98 17.93
CA LYS A 82 -0.84 -3.78 18.95
C LYS A 82 -1.58 -2.81 19.87
N PRO A 83 -2.63 -3.22 20.63
CA PRO A 83 -3.24 -2.34 21.64
C PRO A 83 -2.22 -1.64 22.54
N GLY A 84 -2.42 -0.34 22.78
CA GLY A 84 -1.51 0.52 23.55
C GLY A 84 -0.62 1.39 22.66
N MET A 85 -0.29 0.91 21.45
CA MET A 85 0.73 1.53 20.55
C MET A 85 0.07 2.62 19.70
N THR A 86 0.83 3.71 19.53
CA THR A 86 0.46 4.93 18.77
C THR A 86 1.15 4.89 17.41
N ARG A 87 0.68 5.74 16.49
CA ARG A 87 1.35 6.06 15.22
C ARG A 87 2.84 6.35 15.51
N ALA A 88 3.11 7.17 16.52
CA ALA A 88 4.48 7.61 16.90
C ALA A 88 5.36 6.38 17.22
N ASP A 89 4.79 5.38 17.88
CA ASP A 89 5.50 4.12 18.24
C ASP A 89 5.91 3.40 16.95
N LEU A 90 4.98 3.33 15.98
CA LEU A 90 5.23 2.65 14.69
C LEU A 90 6.31 3.39 13.93
N PHE A 91 6.23 4.73 13.88
CA PHE A 91 7.18 5.53 13.09
C PHE A 91 8.60 5.23 13.61
N GLY A 92 8.79 5.26 14.92
CA GLY A 92 10.11 5.06 15.55
C GLY A 92 10.64 3.68 15.25
N VAL A 93 9.77 2.66 15.13
CA VAL A 93 10.24 1.28 14.88
C VAL A 93 10.52 1.13 13.38
N ASN A 94 9.66 1.68 12.54
CA ASN A 94 9.63 1.35 11.08
C ASN A 94 10.44 2.32 10.25
N ALA A 95 10.68 3.58 10.68
CA ALA A 95 11.37 4.57 9.84
C ALA A 95 12.71 4.00 9.36
N GLY A 96 13.49 3.49 10.30
CA GLY A 96 14.85 2.98 10.01
C GLY A 96 14.84 1.74 9.13
N ILE A 97 13.82 0.90 9.29
CA ILE A 97 13.60 -0.31 8.44
C ILE A 97 13.34 0.14 7.00
N ILE A 98 12.43 1.10 6.82
CA ILE A 98 12.17 1.66 5.47
C ILE A 98 13.42 2.34 4.90
N ARG A 99 14.15 3.12 5.70
CA ARG A 99 15.39 3.77 5.23
C ARG A 99 16.40 2.73 4.75
N SER A 100 16.62 1.70 5.56
CA SER A 100 17.61 0.63 5.27
C SER A 100 17.26 -0.12 3.96
N LEU A 101 16.02 -0.59 3.84
CA LEU A 101 15.55 -1.41 2.69
C LEU A 101 15.50 -0.57 1.42
N THR A 102 15.09 0.69 1.50
CA THR A 102 15.04 1.50 0.26
C THR A 102 16.46 1.88 -0.16
N GLU A 103 17.42 1.99 0.76
CA GLU A 103 18.81 2.21 0.30
C GLU A 103 19.23 1.01 -0.57
N LYS A 104 18.82 -0.20 -0.21
CA LYS A 104 19.23 -1.44 -0.91
C LYS A 104 18.52 -1.54 -2.26
N VAL A 105 17.28 -1.09 -2.34
CA VAL A 105 16.55 -0.95 -3.64
C VAL A 105 17.35 -0.03 -4.57
N ALA A 106 17.80 1.12 -4.07
CA ALA A 106 18.55 2.11 -4.87
C ALA A 106 19.84 1.48 -5.44
N GLU A 107 20.45 0.61 -4.67
CA GLU A 107 21.72 -0.06 -5.03
C GLU A 107 21.45 -1.16 -6.05
N GLN A 108 20.43 -1.99 -5.84
CA GLN A 108 20.29 -3.26 -6.59
C GLN A 108 19.25 -3.17 -7.68
N CYS A 109 18.17 -2.40 -7.51
CA CYS A 109 17.07 -2.39 -8.52
C CYS A 109 16.42 -1.01 -8.58
N PRO A 110 17.21 0.04 -8.90
CA PRO A 110 16.72 1.44 -8.84
C PRO A 110 15.58 1.74 -9.83
N LYS A 111 15.41 0.91 -10.86
CA LYS A 111 14.34 1.15 -11.87
C LYS A 111 13.05 0.38 -11.50
N ALA A 112 13.02 -0.34 -10.37
CA ALA A 112 11.84 -1.13 -9.96
C ALA A 112 10.71 -0.20 -9.53
N CYS A 113 9.45 -0.64 -9.66
CA CYS A 113 8.36 -0.02 -8.90
C CYS A 113 8.46 -0.48 -7.46
N VAL A 114 8.15 0.43 -6.56
CA VAL A 114 8.27 0.20 -5.09
C VAL A 114 6.89 0.47 -4.49
N GLY A 115 6.35 -0.52 -3.81
CA GLY A 115 5.06 -0.45 -3.10
C GLY A 115 5.27 -0.56 -1.61
N ILE A 116 5.03 0.53 -0.86
CA ILE A 116 5.16 0.57 0.61
C ILE A 116 3.84 0.18 1.26
N ILE A 117 3.91 -0.87 2.08
CA ILE A 117 2.81 -1.34 2.93
C ILE A 117 3.01 -0.86 4.38
N THR A 118 4.24 -0.95 4.89
CA THR A 118 4.65 -0.59 6.27
C THR A 118 4.01 0.73 6.70
N ASN A 119 3.43 0.76 7.89
CA ASN A 119 2.78 1.97 8.44
C ASN A 119 3.75 2.75 9.32
N PRO A 120 3.53 4.07 9.54
CA PRO A 120 2.49 4.84 8.84
C PRO A 120 2.90 5.20 7.41
N VAL A 121 2.08 4.72 6.48
CA VAL A 121 2.35 4.85 5.02
C VAL A 121 2.58 6.30 4.70
N ASN A 122 1.74 7.20 5.23
CA ASN A 122 1.80 8.65 4.85
C ASN A 122 3.24 9.16 4.97
N ALA A 123 3.96 8.75 6.02
CA ALA A 123 5.35 9.22 6.31
C ALA A 123 6.38 8.26 5.72
N MET A 124 6.11 6.96 5.75
CA MET A 124 7.10 5.95 5.26
C MET A 124 7.38 6.18 3.78
N VAL A 125 6.38 6.65 3.01
CA VAL A 125 6.59 6.84 1.54
C VAL A 125 7.51 8.06 1.34
N ALA A 126 7.37 9.10 2.16
CA ALA A 126 8.27 10.30 2.01
C ALA A 126 9.71 9.94 2.42
N ILE A 127 9.89 9.09 3.42
CA ILE A 127 11.23 8.55 3.75
C ILE A 127 11.82 7.86 2.52
N ALA A 128 11.09 6.95 1.88
CA ALA A 128 11.67 6.20 0.74
C ALA A 128 12.00 7.22 -0.36
N ALA A 129 11.13 8.19 -0.63
CA ALA A 129 11.40 9.17 -1.71
C ALA A 129 12.74 9.89 -1.41
N GLU A 130 12.97 10.33 -0.16
CA GLU A 130 14.19 11.10 0.21
C GLU A 130 15.42 10.20 0.12
N VAL A 131 15.31 8.92 0.45
CA VAL A 131 16.46 7.98 0.31
C VAL A 131 16.78 7.81 -1.17
N LEU A 132 15.77 7.61 -2.00
CA LEU A 132 16.01 7.42 -3.45
C LEU A 132 16.62 8.69 -4.06
N LYS A 133 16.16 9.87 -3.64
CA LYS A 133 16.72 11.20 -4.06
C LYS A 133 18.18 11.27 -3.64
N LYS A 134 18.52 10.96 -2.38
CA LYS A 134 19.94 11.01 -1.94
C LYS A 134 20.79 10.06 -2.80
N ALA A 135 20.24 8.98 -3.36
CA ALA A 135 21.03 8.03 -4.19
C ALA A 135 21.03 8.47 -5.64
N GLY A 136 20.30 9.54 -5.98
CA GLY A 136 20.20 10.11 -7.34
C GLY A 136 19.43 9.23 -8.30
N VAL A 137 18.46 8.43 -7.84
CA VAL A 137 17.73 7.49 -8.74
C VAL A 137 16.22 7.66 -8.59
N TYR A 138 15.73 8.67 -7.89
CA TYR A 138 14.28 8.79 -7.57
C TYR A 138 13.49 9.09 -8.85
N ASP A 139 12.59 8.18 -9.18
CA ASP A 139 11.56 8.39 -10.21
C ASP A 139 10.22 8.39 -9.47
N LYS A 140 9.60 9.57 -9.30
CA LYS A 140 8.34 9.74 -8.54
C LYS A 140 7.18 8.92 -9.16
N ARG A 141 7.28 8.46 -10.41
CA ARG A 141 6.24 7.66 -11.10
C ARG A 141 6.27 6.23 -10.56
N LYS A 142 7.34 5.83 -9.88
CA LYS A 142 7.58 4.40 -9.56
C LYS A 142 7.42 4.13 -8.07
N LEU A 143 7.07 5.12 -7.28
CA LEU A 143 6.97 4.96 -5.81
C LEU A 143 5.50 5.12 -5.36
N PHE A 144 4.99 4.11 -4.67
CA PHE A 144 3.57 4.05 -4.24
C PHE A 144 3.46 3.70 -2.77
N GLY A 145 2.59 4.44 -2.07
CA GLY A 145 1.99 3.97 -0.81
C GLY A 145 0.76 3.15 -1.14
N ILE A 146 0.75 1.90 -0.74
CA ILE A 146 -0.40 0.99 -1.02
C ILE A 146 -1.54 1.31 -0.07
N THR A 147 -2.60 1.91 -0.63
CA THR A 147 -3.82 2.34 0.10
C THR A 147 -4.98 1.40 -0.22
N THR A 148 -4.70 0.32 -0.98
CA THR A 148 -5.73 -0.55 -1.59
C THR A 148 -6.62 -1.15 -0.50
N LEU A 149 -6.12 -1.34 0.74
CA LEU A 149 -6.98 -1.86 1.82
C LEU A 149 -8.15 -0.91 2.08
N ASP A 150 -7.97 0.39 1.95
CA ASP A 150 -9.04 1.38 2.19
C ASP A 150 -10.13 1.18 1.12
N ILE A 151 -9.70 0.83 -0.10
CA ILE A 151 -10.61 0.52 -1.24
C ILE A 151 -11.35 -0.80 -0.93
N LEU A 152 -10.65 -1.87 -0.54
CA LEU A 152 -11.35 -3.16 -0.20
C LEU A 152 -12.45 -2.88 0.84
N ARG A 153 -12.10 -2.16 1.89
CA ARG A 153 -13.01 -1.87 3.02
C ARG A 153 -14.23 -1.10 2.50
N ALA A 154 -13.99 -0.02 1.75
CA ALA A 154 -15.05 0.83 1.16
C ALA A 154 -15.99 -0.02 0.30
N GLU A 155 -15.44 -0.84 -0.57
CA GLU A 155 -16.23 -1.73 -1.48
C GLU A 155 -17.10 -2.63 -0.61
N THR A 156 -16.50 -3.29 0.39
CA THR A 156 -17.21 -4.27 1.23
C THR A 156 -18.33 -3.54 1.99
N PHE A 157 -18.01 -2.45 2.66
CA PHE A 157 -18.98 -1.78 3.58
C PHE A 157 -20.13 -1.21 2.74
N ILE A 158 -19.84 -0.70 1.55
CA ILE A 158 -20.94 -0.15 0.69
C ILE A 158 -21.86 -1.30 0.34
N ALA A 159 -21.29 -2.41 -0.13
CA ALA A 159 -22.05 -3.55 -0.68
C ALA A 159 -22.87 -4.16 0.46
N GLU A 160 -22.31 -4.28 1.65
CA GLU A 160 -23.04 -4.88 2.80
C GLU A 160 -24.17 -3.95 3.24
N LEU A 161 -23.94 -2.65 3.32
CA LEU A 161 -25.00 -1.69 3.72
C LEU A 161 -26.11 -1.61 2.65
N LYS A 162 -25.79 -1.62 1.36
CA LYS A 162 -26.78 -1.22 0.32
C LYS A 162 -27.23 -2.44 -0.50
N GLY A 163 -26.86 -3.66 -0.11
CA GLY A 163 -27.34 -4.89 -0.75
C GLY A 163 -26.83 -4.99 -2.17
N LEU A 164 -25.56 -4.70 -2.39
CA LEU A 164 -24.95 -4.68 -3.75
C LEU A 164 -23.92 -5.80 -3.87
N ASP A 165 -23.35 -5.96 -5.06
CA ASP A 165 -22.38 -7.04 -5.36
C ASP A 165 -21.01 -6.45 -5.04
N PRO A 166 -20.27 -6.91 -4.00
CA PRO A 166 -19.07 -6.19 -3.55
C PRO A 166 -17.92 -6.28 -4.56
N THR A 167 -18.06 -7.18 -5.53
CA THR A 167 -17.12 -7.50 -6.62
C THR A 167 -17.21 -6.41 -7.69
N ARG A 168 -18.28 -5.61 -7.68
CA ARG A 168 -18.56 -4.64 -8.76
C ARG A 168 -18.85 -3.25 -8.19
N VAL A 169 -18.66 -3.01 -6.90
CA VAL A 169 -18.75 -1.63 -6.35
C VAL A 169 -17.42 -0.93 -6.65
N THR A 170 -17.45 0.24 -7.27
CA THR A 170 -16.25 1.05 -7.48
C THR A 170 -16.40 2.30 -6.61
N ILE A 171 -15.30 2.71 -5.97
CA ILE A 171 -15.30 3.85 -5.03
C ILE A 171 -13.88 4.40 -5.02
N PRO A 172 -13.62 5.63 -5.53
CA PRO A 172 -12.33 6.26 -5.33
C PRO A 172 -12.15 6.60 -3.82
N VAL A 173 -10.96 6.35 -3.31
CA VAL A 173 -10.55 6.76 -1.94
C VAL A 173 -9.26 7.58 -2.09
N ILE A 174 -9.28 8.81 -1.62
CA ILE A 174 -8.20 9.82 -1.84
C ILE A 174 -7.67 10.30 -0.48
N GLY A 175 -6.55 11.00 -0.53
CA GLY A 175 -5.96 11.70 0.62
C GLY A 175 -4.73 10.99 1.14
N GLY A 176 -4.88 10.36 2.29
CA GLY A 176 -3.82 9.58 2.91
C GLY A 176 -4.35 8.29 3.41
N HIS A 177 -3.52 7.60 4.18
CA HIS A 177 -3.82 6.21 4.59
C HIS A 177 -4.12 6.11 6.09
N SER A 178 -4.41 7.20 6.82
CA SER A 178 -4.68 7.03 8.27
C SER A 178 -5.79 7.95 8.75
N GLY A 179 -6.66 7.41 9.59
CA GLY A 179 -7.73 8.10 10.31
C GLY A 179 -8.40 9.15 9.44
N VAL A 180 -8.17 10.42 9.71
CA VAL A 180 -8.99 11.48 9.06
C VAL A 180 -8.47 11.77 7.67
N THR A 181 -7.29 11.29 7.29
CA THR A 181 -6.72 11.54 5.92
C THR A 181 -7.36 10.61 4.89
N ILE A 182 -8.01 9.52 5.31
CA ILE A 182 -8.72 8.60 4.37
C ILE A 182 -10.02 9.27 3.90
N LEU A 183 -10.17 9.58 2.61
CA LEU A 183 -11.42 10.20 2.15
C LEU A 183 -12.05 9.39 1.03
N PRO A 184 -13.06 8.55 1.33
CA PRO A 184 -13.81 7.79 0.32
C PRO A 184 -14.88 8.69 -0.32
N LEU A 185 -14.92 8.74 -1.66
CA LEU A 185 -15.81 9.68 -2.37
C LEU A 185 -17.16 8.99 -2.55
N LEU A 186 -17.86 8.80 -1.44
CA LEU A 186 -19.18 8.12 -1.38
C LEU A 186 -20.22 8.84 -2.26
N SER A 187 -19.97 10.10 -2.64
CA SER A 187 -20.93 10.90 -3.44
C SER A 187 -21.01 10.29 -4.84
N GLN A 188 -19.96 9.56 -5.25
CA GLN A 188 -19.79 9.06 -6.64
C GLN A 188 -20.24 7.61 -6.73
N VAL A 189 -20.74 7.05 -5.63
CA VAL A 189 -21.13 5.63 -5.60
C VAL A 189 -22.46 5.45 -6.35
N GLN A 190 -22.53 4.41 -7.18
CA GLN A 190 -23.72 4.10 -8.00
C GLN A 190 -24.64 3.12 -7.31
N ASN A 191 -25.91 3.17 -7.73
CA ASN A 191 -26.98 2.20 -7.33
C ASN A 191 -27.31 2.35 -5.85
N VAL A 192 -27.14 3.54 -5.27
CA VAL A 192 -27.41 3.72 -3.83
C VAL A 192 -28.18 5.03 -3.65
N GLU A 193 -29.20 4.95 -2.84
CA GLU A 193 -29.95 6.13 -2.33
C GLU A 193 -29.52 6.27 -0.87
N TRP A 194 -28.78 7.31 -0.56
CA TRP A 194 -28.37 7.59 0.84
C TRP A 194 -29.63 7.96 1.65
N SER A 195 -29.95 7.19 2.71
CA SER A 195 -30.93 7.55 3.78
C SER A 195 -30.92 9.06 3.99
N SER A 196 -29.72 9.64 4.20
CA SER A 196 -29.50 11.05 4.60
C SER A 196 -27.99 11.26 4.66
N GLU A 197 -27.54 12.48 4.94
CA GLU A 197 -26.12 12.80 5.28
C GLU A 197 -25.57 11.81 6.34
N GLU A 198 -26.36 11.51 7.38
CA GLU A 198 -26.05 10.61 8.53
C GLU A 198 -25.31 9.36 8.01
N GLU A 199 -25.89 8.71 7.03
CA GLU A 199 -25.47 7.37 6.56
C GLU A 199 -24.09 7.51 5.93
N ILE A 200 -23.88 8.60 5.19
CA ILE A 200 -22.61 8.91 4.45
C ILE A 200 -21.51 9.16 5.49
N ILE A 201 -21.84 9.92 6.52
CA ILE A 201 -20.87 10.28 7.58
C ILE A 201 -20.47 9.01 8.30
N ALA A 202 -21.41 8.18 8.74
CA ALA A 202 -21.15 6.94 9.49
C ALA A 202 -20.34 5.95 8.65
N LEU A 203 -20.67 5.81 7.36
CA LEU A 203 -19.88 4.92 6.44
C LEU A 203 -18.47 5.46 6.30
N THR A 204 -18.31 6.76 6.03
CA THR A 204 -16.96 7.39 5.99
C THR A 204 -16.19 7.03 7.28
N HIS A 205 -16.80 7.22 8.44
CA HIS A 205 -16.12 6.92 9.74
C HIS A 205 -15.66 5.46 9.77
N ARG A 206 -16.53 4.56 9.34
CA ARG A 206 -16.25 3.11 9.46
C ARG A 206 -15.08 2.76 8.53
N ILE A 207 -15.02 3.38 7.35
CA ILE A 207 -13.88 3.17 6.42
C ILE A 207 -12.60 3.67 7.09
N GLN A 208 -12.65 4.85 7.70
CA GLN A 208 -11.47 5.51 8.31
C GLN A 208 -10.99 4.70 9.52
N ASN A 209 -11.85 4.01 10.25
CA ASN A 209 -11.50 3.43 11.57
C ASN A 209 -11.48 1.91 11.51
N ALA A 210 -11.51 1.32 10.31
CA ALA A 210 -11.77 -0.13 10.21
C ALA A 210 -10.63 -0.94 10.84
N GLY A 211 -9.40 -0.42 10.83
CA GLY A 211 -8.20 -1.11 11.36
C GLY A 211 -8.38 -1.42 12.83
N THR A 212 -8.96 -0.48 13.56
CA THR A 212 -9.30 -0.64 14.98
C THR A 212 -10.31 -1.76 15.20
N GLU A 213 -11.33 -1.97 14.33
CA GLU A 213 -12.29 -3.10 14.50
C GLU A 213 -11.43 -4.38 14.62
N VAL A 214 -10.39 -4.50 13.79
CA VAL A 214 -9.57 -5.75 13.72
C VAL A 214 -8.61 -5.77 14.92
N VAL A 215 -7.73 -4.76 15.07
CA VAL A 215 -6.73 -4.61 16.18
C VAL A 215 -7.46 -4.96 17.48
N GLU A 216 -8.68 -4.43 17.61
CA GLU A 216 -9.55 -4.62 18.80
C GLU A 216 -9.91 -6.10 18.91
N ALA A 217 -10.60 -6.65 17.91
CA ALA A 217 -11.25 -8.00 17.95
C ALA A 217 -10.22 -9.14 17.96
N LYS A 218 -8.98 -8.88 17.58
CA LYS A 218 -7.85 -9.85 17.75
C LYS A 218 -7.34 -9.72 19.19
N ALA A 219 -7.41 -8.51 19.76
CA ALA A 219 -7.10 -8.19 21.19
C ALA A 219 -5.63 -8.53 21.39
N GLY A 220 -4.73 -7.74 20.83
CA GLY A 220 -3.28 -7.94 20.96
C GLY A 220 -2.70 -8.97 20.01
N GLY A 221 -3.56 -9.84 19.41
CA GLY A 221 -3.16 -10.87 18.44
C GLY A 221 -2.48 -10.27 17.23
N GLY A 222 -2.69 -8.96 16.98
CA GLY A 222 -2.03 -8.16 15.93
C GLY A 222 -3.08 -7.37 15.17
N SER A 223 -2.71 -6.75 14.04
CA SER A 223 -3.67 -6.00 13.20
C SER A 223 -4.16 -6.87 12.00
N ALA A 224 -4.71 -6.21 11.00
CA ALA A 224 -5.23 -6.85 9.78
C ALA A 224 -4.03 -7.45 9.05
N THR A 225 -4.06 -8.74 8.76
CA THR A 225 -2.96 -9.37 8.00
C THR A 225 -3.53 -9.95 6.68
N LEU A 226 -4.64 -10.71 6.75
CA LEU A 226 -5.14 -11.47 5.59
C LEU A 226 -5.78 -10.51 4.58
N SER A 227 -6.56 -9.51 5.03
CA SER A 227 -7.18 -8.51 4.13
C SER A 227 -6.10 -7.65 3.49
N MET A 228 -5.07 -7.29 4.27
CA MET A 228 -3.97 -6.46 3.77
C MET A 228 -3.19 -7.24 2.71
N ALA A 229 -2.95 -8.53 2.91
CA ALA A 229 -2.26 -9.37 1.90
C ALA A 229 -3.08 -9.36 0.61
N GLN A 230 -4.40 -9.44 0.69
CA GLN A 230 -5.24 -9.42 -0.53
C GLN A 230 -5.10 -8.06 -1.19
N ALA A 231 -5.17 -6.99 -0.42
CA ALA A 231 -5.05 -5.59 -0.91
C ALA A 231 -3.71 -5.41 -1.62
N ALA A 232 -2.61 -5.83 -1.00
CA ALA A 232 -1.26 -5.76 -1.62
C ALA A 232 -1.17 -6.61 -2.90
N ALA A 233 -1.66 -7.84 -2.90
CA ALA A 233 -1.65 -8.70 -4.10
C ALA A 233 -2.44 -8.03 -5.24
N ARG A 234 -3.61 -7.48 -4.95
CA ARG A 234 -4.46 -6.78 -5.95
C ARG A 234 -3.63 -5.65 -6.58
N PHE A 235 -2.97 -4.83 -5.74
CA PHE A 235 -2.19 -3.71 -6.26
C PHE A 235 -1.04 -4.23 -7.12
N ALA A 236 -0.32 -5.21 -6.60
CA ALA A 236 0.85 -5.82 -7.28
C ALA A 236 0.41 -6.32 -8.65
N LEU A 237 -0.71 -7.04 -8.72
CA LEU A 237 -1.16 -7.64 -9.99
C LEU A 237 -1.59 -6.55 -10.97
N ALA A 238 -2.06 -5.41 -10.46
CA ALA A 238 -2.37 -4.21 -11.24
C ALA A 238 -1.08 -3.70 -11.90
N LEU A 239 0.01 -3.57 -11.15
CA LEU A 239 1.34 -3.18 -11.68
C LEU A 239 1.81 -4.22 -12.69
N VAL A 240 1.64 -5.52 -12.42
CA VAL A 240 2.07 -6.54 -13.43
C VAL A 240 1.27 -6.36 -14.74
N LYS A 241 -0.05 -6.21 -14.64
CA LYS A 241 -0.95 -5.97 -15.79
C LYS A 241 -0.47 -4.72 -16.55
N ALA A 242 -0.13 -3.63 -15.85
CA ALA A 242 0.39 -2.40 -16.51
C ALA A 242 1.72 -2.70 -17.21
N SER A 243 2.55 -3.55 -16.66
CA SER A 243 3.86 -3.91 -17.29
C SER A 243 3.64 -4.59 -18.64
N GLN A 244 2.50 -5.23 -18.81
CA GLN A 244 2.15 -5.94 -20.06
C GLN A 244 1.59 -4.95 -21.09
N GLY A 245 1.41 -3.67 -20.73
CA GLY A 245 0.90 -2.61 -21.62
C GLY A 245 -0.60 -2.35 -21.48
N ALA A 246 -1.27 -2.91 -20.48
CA ALA A 246 -2.70 -2.61 -20.19
C ALA A 246 -2.85 -1.20 -19.62
N LYS A 247 -3.95 -0.53 -19.95
CA LYS A 247 -4.44 0.62 -19.15
C LYS A 247 -4.92 0.08 -17.79
N VAL A 248 -4.28 0.51 -16.71
CA VAL A 248 -4.71 0.05 -15.36
C VAL A 248 -4.94 1.29 -14.51
N VAL A 249 -6.00 1.30 -13.75
CA VAL A 249 -6.34 2.48 -12.90
C VAL A 249 -6.45 2.00 -11.47
N GLU A 250 -5.75 2.68 -10.56
CA GLU A 250 -5.73 2.33 -9.12
C GLU A 250 -5.56 3.62 -8.30
N CYS A 251 -6.25 3.72 -7.17
CA CYS A 251 -5.94 4.68 -6.09
C CYS A 251 -4.65 4.23 -5.40
N ALA A 252 -3.69 5.15 -5.36
CA ALA A 252 -2.42 4.95 -4.64
C ALA A 252 -1.87 6.30 -4.16
N TYR A 253 -1.07 6.25 -3.11
CA TYR A 253 -0.44 7.45 -2.48
C TYR A 253 0.84 7.70 -3.27
N VAL A 254 0.88 8.82 -3.98
CA VAL A 254 1.93 9.12 -4.97
C VAL A 254 2.32 10.62 -4.85
N GLU A 255 3.54 10.91 -5.22
CA GLU A 255 4.02 12.30 -5.42
C GLU A 255 3.50 12.82 -6.77
N GLY A 256 2.35 13.48 -6.76
CA GLY A 256 1.68 13.98 -7.97
C GLY A 256 1.95 15.46 -8.11
N ASP A 257 0.94 16.22 -8.51
CA ASP A 257 1.09 17.64 -8.94
C ASP A 257 1.25 18.54 -7.70
N GLY A 258 0.92 18.02 -6.52
CA GLY A 258 1.09 18.74 -5.25
C GLY A 258 0.06 19.82 -5.05
N LYS A 259 -1.06 19.79 -5.79
CA LYS A 259 -2.19 20.73 -5.56
C LYS A 259 -2.56 20.74 -4.08
N TYR A 260 -2.72 19.58 -3.42
CA TYR A 260 -3.18 19.52 -2.00
C TYR A 260 -2.00 19.21 -1.04
N ALA A 261 -1.11 18.29 -1.40
CA ALA A 261 0.05 17.89 -0.55
C ALA A 261 1.09 17.26 -1.48
N ARG A 262 2.35 17.19 -1.07
CA ARG A 262 3.41 16.71 -1.96
C ARG A 262 3.02 15.28 -2.39
N PHE A 263 2.64 14.45 -1.43
CA PHE A 263 2.11 13.08 -1.64
C PHE A 263 0.63 13.12 -1.31
N PHE A 264 -0.16 12.47 -2.15
CA PHE A 264 -1.63 12.47 -2.05
C PHE A 264 -2.13 11.22 -2.78
N ALA A 265 -3.06 10.51 -2.15
CA ALA A 265 -3.67 9.30 -2.72
C ALA A 265 -4.75 9.75 -3.72
N GLN A 266 -4.67 9.25 -4.93
CA GLN A 266 -5.59 9.63 -6.05
C GLN A 266 -5.59 8.50 -7.08
N PRO A 267 -6.62 8.44 -7.93
CA PRO A 267 -6.62 7.53 -9.07
C PRO A 267 -5.45 7.89 -9.97
N VAL A 268 -4.67 6.89 -10.36
CA VAL A 268 -3.59 7.05 -11.36
C VAL A 268 -3.78 5.99 -12.45
N ARG A 269 -3.49 6.36 -13.68
CA ARG A 269 -3.35 5.36 -14.75
C ARG A 269 -1.86 4.96 -14.80
N LEU A 270 -1.62 3.67 -14.66
CA LEU A 270 -0.31 2.99 -14.72
C LEU A 270 -0.03 2.64 -16.17
N GLY A 271 1.21 2.88 -16.59
CA GLY A 271 1.82 2.40 -17.84
C GLY A 271 2.91 1.41 -17.54
N THR A 272 3.89 1.31 -18.43
CA THR A 272 4.98 0.31 -18.33
C THR A 272 6.11 0.88 -17.48
N GLU A 273 6.05 2.16 -17.08
CA GLU A 273 7.15 2.83 -16.33
C GLU A 273 6.58 3.58 -15.13
N GLY A 274 5.73 2.90 -14.35
CA GLY A 274 4.96 3.49 -13.24
C GLY A 274 3.80 4.34 -13.72
N VAL A 275 3.46 5.37 -12.96
CA VAL A 275 2.32 6.27 -13.27
C VAL A 275 2.53 6.88 -14.66
N GLU A 276 1.50 6.80 -15.49
CA GLU A 276 1.50 7.40 -16.84
C GLU A 276 0.65 8.68 -16.81
N GLU A 277 -0.44 8.66 -16.07
CA GLU A 277 -1.28 9.87 -15.94
C GLU A 277 -1.84 9.92 -14.52
N TYR A 278 -1.90 11.13 -13.95
CA TYR A 278 -2.52 11.42 -12.65
C TYR A 278 -3.96 11.82 -12.95
N LEU A 279 -4.95 11.09 -12.45
CA LEU A 279 -6.34 11.32 -12.88
C LEU A 279 -7.01 12.25 -11.89
N THR A 280 -8.03 12.93 -12.36
CA THR A 280 -8.96 13.78 -11.60
C THR A 280 -9.53 13.05 -10.40
N LEU A 281 -9.89 13.82 -9.38
CA LEU A 281 -10.70 13.37 -8.24
C LEU A 281 -12.17 13.33 -8.66
N GLY A 282 -12.51 13.93 -9.81
CA GLY A 282 -13.90 14.09 -10.29
C GLY A 282 -14.69 15.07 -9.44
N LYS A 283 -16.00 14.92 -9.37
CA LYS A 283 -16.88 15.89 -8.67
C LYS A 283 -16.92 15.53 -7.18
N LEU A 284 -16.51 16.47 -6.34
CA LEU A 284 -16.59 16.34 -4.86
C LEU A 284 -17.89 16.96 -4.38
N SER A 285 -18.65 16.29 -3.54
CA SER A 285 -19.74 16.90 -2.74
C SER A 285 -19.18 18.02 -1.87
N ALA A 286 -20.05 18.86 -1.34
CA ALA A 286 -19.70 19.86 -0.29
C ALA A 286 -19.01 19.13 0.88
N PHE A 287 -19.63 18.04 1.34
CA PHE A 287 -19.12 17.18 2.44
C PHE A 287 -17.68 16.75 2.15
N GLU A 288 -17.40 16.32 0.91
CA GLU A 288 -16.06 15.81 0.50
C GLU A 288 -15.06 16.95 0.41
N GLU A 289 -15.46 18.10 -0.13
CA GLU A 289 -14.58 19.30 -0.23
C GLU A 289 -14.14 19.76 1.18
N LYS A 290 -15.05 19.80 2.15
CA LYS A 290 -14.79 20.23 3.54
C LYS A 290 -13.90 19.18 4.22
N ALA A 291 -14.16 17.88 4.03
CA ALA A 291 -13.38 16.80 4.68
C ALA A 291 -11.95 16.86 4.12
N LEU A 292 -11.81 17.12 2.82
CA LEU A 292 -10.50 17.27 2.12
C LEU A 292 -9.69 18.42 2.74
N ASN A 293 -10.22 19.65 2.78
CA ASN A 293 -9.48 20.80 3.36
C ASN A 293 -9.28 20.60 4.86
N ALA A 294 -10.17 19.92 5.60
CA ALA A 294 -10.06 19.70 7.07
C ALA A 294 -8.89 18.75 7.45
N MET A 295 -8.53 17.77 6.63
CA MET A 295 -7.45 16.82 7.02
C MET A 295 -6.10 17.24 6.43
N LEU A 296 -6.05 18.24 5.54
CA LEU A 296 -4.80 18.55 4.80
C LEU A 296 -3.62 18.82 5.75
N GLU A 297 -3.84 19.43 6.92
CA GLU A 297 -2.74 19.81 7.84
C GLU A 297 -2.05 18.55 8.39
N THR A 298 -2.84 17.60 8.88
CA THR A 298 -2.42 16.26 9.35
C THR A 298 -1.61 15.58 8.25
N LEU A 299 -2.16 15.48 7.04
CA LEU A 299 -1.46 14.81 5.92
C LEU A 299 -0.10 15.51 5.68
N GLN A 300 -0.06 16.83 5.60
CA GLN A 300 1.22 17.55 5.33
C GLN A 300 2.21 17.35 6.49
N GLY A 301 1.71 17.19 7.73
CA GLY A 301 2.49 16.91 8.94
C GLY A 301 3.08 15.51 8.90
N ASP A 302 2.27 14.54 8.44
CA ASP A 302 2.75 13.14 8.27
C ASP A 302 3.93 13.18 7.28
N ILE A 303 3.79 13.89 6.16
CA ILE A 303 4.84 13.92 5.10
C ILE A 303 6.13 14.56 5.66
N LYS A 304 5.98 15.66 6.38
CA LYS A 304 7.11 16.46 6.92
C LYS A 304 7.92 15.55 7.84
N SER A 305 7.24 14.80 8.71
CA SER A 305 7.85 13.87 9.68
C SER A 305 8.76 12.87 8.94
N GLY A 306 8.36 12.36 7.78
CA GLY A 306 9.19 11.49 6.95
C GLY A 306 10.34 12.24 6.31
N GLU A 307 10.08 13.40 5.71
CA GLU A 307 11.12 14.23 5.05
C GLU A 307 12.23 14.59 6.06
N ASP A 308 11.82 14.95 7.27
CA ASP A 308 12.70 15.55 8.31
C ASP A 308 13.59 14.45 8.94
N PHE A 309 13.13 13.21 8.91
CA PHE A 309 13.92 12.04 9.38
C PHE A 309 15.16 11.92 8.50
N ILE A 310 15.02 12.09 7.18
CA ILE A 310 16.14 11.86 6.23
C ILE A 310 16.99 13.13 6.04
N ASN A 311 16.40 14.33 6.14
CA ASN A 311 17.02 15.61 5.70
C ASN A 311 17.14 16.67 6.81
N GLY A 312 16.44 16.51 7.95
CA GLY A 312 16.21 17.61 8.91
C GLY A 312 15.23 18.64 8.34
#